data_6RAB
#
_entry.id   6RAB
#
_cell.length_a   134.766
_cell.length_b   120.592
_cell.length_c   88.264
_cell.angle_alpha   90.000
_cell.angle_beta   148.380
_cell.angle_gamma   90.000
#
_symmetry.space_group_name_H-M   'C 1 2 1'
#
loop_
_entity.id
_entity.type
_entity.pdbx_description
1 polymer 'Putative N-acetylneuraminate lyase'
2 water water
#
_entity_poly.entity_id   1
_entity_poly.type   'polypeptide(L)'
_entity_poly.pdbx_seq_one_letter_code
;MSYYHHHHHHDYDIPTTENLYFQGAMADIGSMRNLEKYKGVIPAFYACYDKEGNISPEGVQGLTKYFVKKGVKGVYVNGS
SGECIYQSVEDRKIVLENVMKVAEGKLTVIAHVACNNTKDSQELARHAEGLGVDAIAAIPPIYFHLPEYAIAQYWNAISA
AAPNTDFVIYNIPQLAGVALTQNLFVEMRKNPNVIGVKNSSMPVQDIQMFKQAAGAEYIIFNGPDEQFMSGRVIGAEGAI
GGTYGAMPELYLKLDECINAGKMTEARKIQYACNEIIYKMCSAHGNMYAVIKAILKINEGLELGAVREPLPALVDEDMEI
VKEAAQMICDAKKKFL
;
_entity_poly.pdbx_strand_id   A,B
#
# COMPACT_ATOMS: atom_id res chain seq x y z
N GLU A 36 -6.96 -31.03 -4.56
CA GLU A 36 -8.29 -31.22 -5.15
C GLU A 36 -9.32 -30.25 -4.55
N LYS A 37 -9.27 -30.00 -3.22
CA LYS A 37 -10.18 -29.09 -2.54
C LYS A 37 -10.01 -27.62 -2.99
N TYR A 38 -8.85 -27.28 -3.61
CA TYR A 38 -8.57 -25.94 -4.15
C TYR A 38 -8.84 -25.81 -5.66
N LYS A 39 -9.18 -26.92 -6.35
CA LYS A 39 -9.40 -26.91 -7.81
C LYS A 39 -10.82 -26.48 -8.16
N GLY A 40 -10.96 -25.57 -9.11
CA GLY A 40 -12.25 -25.06 -9.53
C GLY A 40 -12.42 -23.57 -9.32
N VAL A 41 -13.67 -23.14 -9.13
CA VAL A 41 -14.07 -21.75 -9.00
C VAL A 41 -14.16 -21.35 -7.52
N ILE A 42 -13.25 -20.44 -7.09
CA ILE A 42 -13.21 -19.90 -5.72
C ILE A 42 -13.40 -18.37 -5.82
N PRO A 43 -14.64 -17.86 -5.73
CA PRO A 43 -14.83 -16.40 -5.79
C PRO A 43 -14.16 -15.65 -4.64
N ALA A 44 -13.69 -14.42 -4.89
CA ALA A 44 -13.20 -13.57 -3.82
C ALA A 44 -14.44 -13.04 -3.06
N PHE A 45 -14.38 -13.04 -1.73
CA PHE A 45 -15.50 -12.69 -0.88
C PHE A 45 -15.52 -11.20 -0.67
N TYR A 46 -16.66 -10.56 -0.93
CA TYR A 46 -16.77 -9.10 -0.84
C TYR A 46 -16.88 -8.61 0.58
N ALA A 47 -16.61 -7.31 0.75
CA ALA A 47 -16.77 -6.64 2.02
C ALA A 47 -18.25 -6.38 2.23
N CYS A 48 -18.82 -6.90 3.31
CA CYS A 48 -20.26 -6.72 3.61
C CYS A 48 -20.45 -5.73 4.71
N TYR A 49 -20.95 -4.54 4.40
CA TYR A 49 -21.18 -3.51 5.41
C TYR A 49 -22.64 -3.31 5.76
N ASP A 50 -22.85 -2.66 6.90
CA ASP A 50 -24.17 -2.24 7.36
C ASP A 50 -24.35 -0.84 6.80
N LYS A 51 -25.47 -0.16 7.07
CA LYS A 51 -25.68 1.19 6.56
C LYS A 51 -24.77 2.25 7.22
N GLU A 52 -24.13 1.94 8.36
CA GLU A 52 -23.20 2.85 9.05
C GLU A 52 -21.74 2.71 8.58
N GLY A 53 -21.46 1.85 7.59
CA GLY A 53 -20.11 1.64 7.08
C GLY A 53 -19.22 0.72 7.90
N ASN A 54 -19.83 -0.09 8.79
CA ASN A 54 -19.09 -1.04 9.65
C ASN A 54 -19.38 -2.45 9.19
N ILE A 55 -18.49 -3.41 9.46
CA ILE A 55 -18.69 -4.79 9.00
C ILE A 55 -20.00 -5.36 9.52
N SER A 56 -20.81 -5.95 8.62
CA SER A 56 -22.10 -6.52 8.97
C SER A 56 -22.02 -8.03 9.15
N PRO A 57 -22.14 -8.56 10.39
CA PRO A 57 -22.13 -10.02 10.59
C PRO A 57 -23.24 -10.71 9.79
N GLU A 58 -24.46 -10.12 9.80
CA GLU A 58 -25.61 -10.62 9.06
C GLU A 58 -25.34 -10.63 7.56
N GLY A 59 -24.70 -9.56 7.07
CA GLY A 59 -24.31 -9.42 5.67
C GLY A 59 -23.32 -10.47 5.22
N VAL A 60 -22.30 -10.75 6.05
CA VAL A 60 -21.29 -11.76 5.73
C VAL A 60 -21.97 -13.15 5.72
N GLN A 61 -22.64 -13.56 6.82
CA GLN A 61 -23.38 -14.83 6.88
C GLN A 61 -24.30 -14.95 5.66
N GLY A 62 -24.99 -13.85 5.32
CA GLY A 62 -25.86 -13.79 4.14
C GLY A 62 -25.13 -14.05 2.84
N LEU A 63 -23.98 -13.37 2.61
CA LEU A 63 -23.20 -13.59 1.38
C LEU A 63 -22.56 -14.98 1.34
N THR A 64 -22.25 -15.59 2.51
CA THR A 64 -21.69 -16.95 2.53
C THR A 64 -22.78 -17.96 2.18
N LYS A 65 -24.04 -17.73 2.63
CA LYS A 65 -25.14 -18.64 2.30
C LYS A 65 -25.38 -18.62 0.78
N TYR A 66 -25.13 -17.46 0.16
CA TYR A 66 -25.25 -17.26 -1.29
C TYR A 66 -24.26 -18.14 -2.05
N PHE A 67 -22.98 -18.17 -1.64
CA PHE A 67 -21.95 -18.97 -2.28
C PHE A 67 -22.14 -20.49 -2.08
N VAL A 68 -22.59 -20.91 -0.89
CA VAL A 68 -22.91 -22.31 -0.62
C VAL A 68 -24.03 -22.74 -1.60
N LYS A 69 -25.11 -21.93 -1.68
CA LYS A 69 -26.27 -22.13 -2.56
C LYS A 69 -25.87 -22.25 -4.04
N LYS A 70 -24.90 -21.42 -4.51
CA LYS A 70 -24.48 -21.44 -5.91
C LYS A 70 -23.55 -22.61 -6.27
N GLY A 71 -23.09 -23.36 -5.28
CA GLY A 71 -22.29 -24.56 -5.50
C GLY A 71 -20.87 -24.31 -5.96
N VAL A 72 -20.24 -23.20 -5.51
CA VAL A 72 -18.85 -22.88 -5.84
C VAL A 72 -17.93 -23.74 -4.97
N LYS A 73 -16.66 -23.95 -5.38
CA LYS A 73 -15.73 -24.80 -4.65
C LYS A 73 -15.34 -24.20 -3.30
N GLY A 74 -15.01 -22.91 -3.29
CA GLY A 74 -14.63 -22.24 -2.06
C GLY A 74 -14.88 -20.75 -2.03
N VAL A 75 -14.30 -20.07 -1.03
CA VAL A 75 -14.42 -18.63 -0.87
C VAL A 75 -13.03 -18.05 -0.41
N TYR A 76 -12.54 -17.00 -1.10
CA TYR A 76 -11.27 -16.33 -0.80
C TYR A 76 -11.62 -15.06 0.00
N VAL A 77 -11.40 -15.11 1.31
CA VAL A 77 -11.83 -14.07 2.25
C VAL A 77 -10.76 -13.06 2.55
N ASN A 78 -11.19 -11.78 2.66
CA ASN A 78 -10.34 -10.64 3.01
C ASN A 78 -9.14 -10.41 2.07
N GLY A 79 -9.37 -10.61 0.78
CA GLY A 79 -8.41 -10.30 -0.27
C GLY A 79 -8.66 -8.85 -0.63
N SER A 80 -7.95 -8.31 -1.62
CA SER A 80 -8.18 -6.93 -2.03
C SER A 80 -9.63 -6.68 -2.54
N SER A 81 -10.27 -7.72 -3.14
CA SER A 81 -11.67 -7.64 -3.58
C SER A 81 -12.59 -7.57 -2.35
N GLY A 82 -12.09 -8.02 -1.21
CA GLY A 82 -12.76 -7.92 0.07
C GLY A 82 -12.42 -6.62 0.80
N GLU A 83 -11.79 -5.64 0.10
CA GLU A 83 -11.42 -4.34 0.64
C GLU A 83 -10.48 -4.42 1.83
N CYS A 84 -9.64 -5.47 1.89
CA CYS A 84 -8.71 -5.75 2.99
C CYS A 84 -7.76 -4.60 3.31
N ILE A 85 -7.29 -3.85 2.29
CA ILE A 85 -6.41 -2.67 2.43
C ILE A 85 -7.06 -1.62 3.36
N TYR A 86 -8.40 -1.53 3.34
CA TYR A 86 -9.21 -0.57 4.06
C TYR A 86 -9.85 -1.11 5.35
N GLN A 87 -9.55 -2.35 5.78
CA GLN A 87 -10.14 -2.90 6.99
C GLN A 87 -9.11 -2.88 8.10
N SER A 88 -9.58 -2.79 9.36
CA SER A 88 -8.71 -2.90 10.54
C SER A 88 -8.52 -4.39 10.86
N VAL A 89 -7.59 -4.70 11.76
CA VAL A 89 -7.35 -6.09 12.12
C VAL A 89 -8.65 -6.69 12.68
N GLU A 90 -9.33 -5.98 13.61
CA GLU A 90 -10.60 -6.44 14.16
C GLU A 90 -11.71 -6.57 13.11
N ASP A 91 -11.77 -5.68 12.09
CA ASP A 91 -12.77 -5.80 11.02
C ASP A 91 -12.60 -7.14 10.28
N ARG A 92 -11.36 -7.52 9.99
CA ARG A 92 -11.08 -8.76 9.25
C ARG A 92 -11.38 -10.01 10.07
N LYS A 93 -11.12 -9.99 11.39
CA LYS A 93 -11.46 -11.11 12.28
C LYS A 93 -12.98 -11.36 12.26
N ILE A 94 -13.79 -10.29 12.29
CA ILE A 94 -15.24 -10.39 12.31
C ILE A 94 -15.72 -11.04 11.00
N VAL A 95 -15.15 -10.67 9.83
CA VAL A 95 -15.56 -11.26 8.55
C VAL A 95 -15.31 -12.77 8.55
N LEU A 96 -14.06 -13.20 8.76
CA LEU A 96 -13.74 -14.63 8.75
C LEU A 96 -14.57 -15.41 9.78
N GLU A 97 -14.74 -14.87 11.01
CA GLU A 97 -15.58 -15.49 12.04
C GLU A 97 -16.97 -15.81 11.50
N ASN A 98 -17.62 -14.81 10.90
CA ASN A 98 -18.95 -14.95 10.31
C ASN A 98 -19.01 -15.82 9.04
N VAL A 99 -17.93 -15.87 8.24
CA VAL A 99 -17.89 -16.77 7.09
C VAL A 99 -17.85 -18.22 7.64
N MET A 100 -17.03 -18.44 8.71
CA MET A 100 -16.86 -19.75 9.31
C MET A 100 -18.10 -20.29 10.02
N LYS A 101 -19.04 -19.43 10.44
CA LYS A 101 -20.29 -19.90 11.05
C LYS A 101 -21.11 -20.65 9.99
N VAL A 102 -21.10 -20.19 8.73
CA VAL A 102 -21.84 -20.76 7.60
C VAL A 102 -21.03 -21.78 6.83
N ALA A 103 -19.80 -21.42 6.45
CA ALA A 103 -18.94 -22.28 5.65
C ALA A 103 -18.07 -23.14 6.56
N GLU A 104 -18.11 -24.47 6.41
CA GLU A 104 -17.24 -25.34 7.19
C GLU A 104 -16.95 -26.62 6.45
N GLY A 105 -17.97 -27.44 6.24
CA GLY A 105 -17.79 -28.70 5.53
C GLY A 105 -18.43 -28.65 4.15
N LYS A 106 -18.84 -27.45 3.70
CA LYS A 106 -19.47 -27.26 2.40
C LYS A 106 -18.54 -26.52 1.46
N LEU A 107 -17.86 -25.45 1.91
CA LEU A 107 -16.90 -24.68 1.09
C LEU A 107 -15.50 -24.77 1.65
N THR A 108 -14.50 -24.66 0.78
CA THR A 108 -13.12 -24.61 1.23
C THR A 108 -12.80 -23.12 1.36
N VAL A 109 -12.11 -22.73 2.39
CA VAL A 109 -11.87 -21.32 2.66
C VAL A 109 -10.39 -20.97 2.65
N ILE A 110 -10.02 -19.97 1.84
CA ILE A 110 -8.67 -19.41 1.78
C ILE A 110 -8.79 -18.05 2.46
N ALA A 111 -8.06 -17.82 3.55
CA ALA A 111 -8.13 -16.53 4.25
C ALA A 111 -6.89 -15.70 3.94
N HIS A 112 -7.09 -14.56 3.26
CA HIS A 112 -5.97 -13.65 2.95
C HIS A 112 -5.69 -12.88 4.23
N VAL A 113 -4.47 -13.05 4.77
CA VAL A 113 -4.10 -12.45 6.06
C VAL A 113 -3.02 -11.39 5.99
N ALA A 114 -2.54 -10.98 4.81
CA ALA A 114 -1.48 -9.98 4.78
C ALA A 114 -1.98 -8.61 5.22
N CYS A 115 -1.14 -7.86 5.91
CA CYS A 115 -1.38 -6.50 6.38
C CYS A 115 -0.18 -5.66 6.02
N ASN A 116 -0.21 -4.35 6.27
CA ASN A 116 0.96 -3.52 5.97
C ASN A 116 2.17 -3.97 6.83
N ASN A 117 1.89 -4.36 8.10
CA ASN A 117 2.82 -4.88 9.11
C ASN A 117 2.97 -6.36 9.02
N THR A 118 4.10 -6.89 9.50
CA THR A 118 4.29 -8.33 9.66
C THR A 118 3.49 -8.74 10.91
N LYS A 119 3.60 -7.95 11.99
CA LYS A 119 2.91 -8.11 13.26
C LYS A 119 1.37 -8.32 13.08
N ASP A 120 0.67 -7.37 12.45
CA ASP A 120 -0.78 -7.50 12.19
C ASP A 120 -1.06 -8.72 11.31
N SER A 121 -0.21 -8.98 10.31
CA SER A 121 -0.38 -10.15 9.45
C SER A 121 -0.31 -11.46 10.25
N GLN A 122 0.64 -11.56 11.21
CA GLN A 122 0.81 -12.74 12.05
C GLN A 122 -0.41 -12.94 12.92
N GLU A 123 -0.99 -11.84 13.43
CA GLU A 123 -2.21 -11.88 14.25
C GLU A 123 -3.37 -12.48 13.46
N LEU A 124 -3.56 -12.07 12.19
CA LEU A 124 -4.63 -12.65 11.37
C LEU A 124 -4.31 -14.11 11.01
N ALA A 125 -3.04 -14.46 10.84
CA ALA A 125 -2.64 -15.83 10.53
C ALA A 125 -2.97 -16.76 11.69
N ARG A 126 -2.60 -16.36 12.93
CA ARG A 126 -2.93 -17.11 14.16
C ARG A 126 -4.44 -17.30 14.20
N HIS A 127 -5.18 -16.17 14.17
CA HIS A 127 -6.63 -16.15 14.26
C HIS A 127 -7.28 -17.07 13.26
N ALA A 128 -6.85 -17.00 12.00
CA ALA A 128 -7.41 -17.82 10.95
C ALA A 128 -7.17 -19.32 11.20
N GLU A 129 -5.98 -19.70 11.69
CA GLU A 129 -5.71 -21.09 12.03
C GLU A 129 -6.59 -21.52 13.21
N GLY A 130 -6.86 -20.57 14.13
CA GLY A 130 -7.72 -20.79 15.29
C GLY A 130 -9.13 -21.20 14.92
N LEU A 131 -9.65 -20.66 13.80
CA LEU A 131 -10.99 -20.97 13.30
C LEU A 131 -11.03 -22.16 12.30
N GLY A 132 -9.93 -22.89 12.14
CA GLY A 132 -9.85 -24.07 11.29
C GLY A 132 -9.91 -23.85 9.80
N VAL A 133 -9.28 -22.78 9.31
CA VAL A 133 -9.25 -22.40 7.88
C VAL A 133 -8.39 -23.38 6.99
N ASP A 134 -8.70 -23.51 5.67
CA ASP A 134 -8.00 -24.45 4.78
C ASP A 134 -6.64 -23.97 4.38
N ALA A 135 -6.57 -22.74 3.90
CA ALA A 135 -5.32 -22.12 3.54
C ALA A 135 -5.31 -20.69 3.98
N ILE A 136 -4.13 -20.13 3.94
CA ILE A 136 -3.87 -18.75 4.29
C ILE A 136 -3.14 -18.13 3.10
N ALA A 137 -3.43 -16.88 2.78
CA ALA A 137 -2.82 -16.23 1.62
C ALA A 137 -2.20 -14.92 2.02
N ALA A 138 -1.23 -14.45 1.24
CA ALA A 138 -0.52 -13.20 1.51
C ALA A 138 0.04 -12.53 0.27
N ILE A 139 -0.36 -11.28 0.04
CA ILE A 139 0.18 -10.43 -1.03
C ILE A 139 1.60 -10.08 -0.60
N PRO A 140 2.48 -9.55 -1.45
CA PRO A 140 3.81 -9.19 -0.93
C PRO A 140 3.71 -7.91 -0.11
N PRO A 141 4.81 -7.49 0.54
CA PRO A 141 4.83 -6.18 1.19
C PRO A 141 4.52 -5.09 0.16
N ILE A 142 3.93 -4.01 0.65
CA ILE A 142 3.34 -2.93 -0.15
C ILE A 142 4.03 -1.58 0.01
N TYR A 143 3.75 -0.66 -0.95
CA TYR A 143 4.27 0.71 -0.97
C TYR A 143 5.78 0.73 -1.24
N PHE A 144 6.60 0.21 -0.32
CA PHE A 144 8.05 0.13 -0.55
C PHE A 144 8.37 -1.12 -1.40
N HIS A 145 9.42 -1.04 -2.23
CA HIS A 145 9.85 -2.20 -3.04
C HIS A 145 11.00 -2.87 -2.29
N LEU A 146 10.65 -3.87 -1.47
CA LEU A 146 11.63 -4.52 -0.62
C LEU A 146 12.36 -5.64 -1.34
N PRO A 147 13.60 -5.98 -0.90
CA PRO A 147 14.30 -7.11 -1.55
C PRO A 147 13.62 -8.46 -1.33
N GLU A 148 13.99 -9.44 -2.15
CA GLU A 148 13.41 -10.78 -2.07
C GLU A 148 13.58 -11.41 -0.69
N TYR A 149 14.70 -11.18 -0.02
CA TYR A 149 14.90 -11.73 1.33
C TYR A 149 13.89 -11.18 2.35
N ALA A 150 13.56 -9.88 2.28
CA ALA A 150 12.54 -9.26 3.16
C ALA A 150 11.14 -9.79 2.85
N ILE A 151 10.86 -10.03 1.55
CA ILE A 151 9.58 -10.58 1.08
C ILE A 151 9.48 -12.02 1.58
N ALA A 152 10.58 -12.81 1.39
CA ALA A 152 10.64 -14.19 1.86
C ALA A 152 10.47 -14.24 3.38
N GLN A 153 11.11 -13.32 4.13
CA GLN A 153 10.99 -13.24 5.58
C GLN A 153 9.56 -12.85 6.00
N TYR A 154 8.94 -11.87 5.31
CA TYR A 154 7.56 -11.47 5.58
C TYR A 154 6.60 -12.65 5.45
N TRP A 155 6.66 -13.33 4.30
CA TRP A 155 5.80 -14.49 4.04
C TRP A 155 6.07 -15.67 4.97
N ASN A 156 7.34 -15.96 5.24
CA ASN A 156 7.67 -17.06 6.15
C ASN A 156 7.24 -16.72 7.60
N ALA A 157 7.36 -15.45 8.02
CA ALA A 157 6.92 -15.03 9.35
C ALA A 157 5.42 -15.23 9.51
N ILE A 158 4.63 -14.94 8.46
CA ILE A 158 3.16 -15.13 8.44
C ILE A 158 2.87 -16.64 8.46
N SER A 159 3.62 -17.42 7.67
CA SER A 159 3.44 -18.86 7.60
C SER A 159 3.76 -19.50 8.95
N ALA A 160 4.76 -18.98 9.69
CA ALA A 160 5.13 -19.46 11.02
C ALA A 160 4.03 -19.21 12.06
N ALA A 161 3.24 -18.15 11.90
CA ALA A 161 2.13 -17.81 12.82
C ALA A 161 0.92 -18.76 12.66
N ALA A 162 0.86 -19.51 11.55
CA ALA A 162 -0.17 -20.51 11.28
C ALA A 162 0.58 -21.72 10.71
N PRO A 163 1.37 -22.44 11.54
CA PRO A 163 2.26 -23.48 11.01
C PRO A 163 1.65 -24.82 10.60
N ASN A 164 0.35 -25.08 10.79
CA ASN A 164 -0.27 -26.34 10.38
C ASN A 164 -1.31 -26.07 9.29
N THR A 165 -1.20 -24.93 8.57
CA THR A 165 -2.12 -24.61 7.49
C THR A 165 -1.37 -24.21 6.22
N ASP A 166 -1.98 -24.59 5.10
CA ASP A 166 -1.52 -24.35 3.75
C ASP A 166 -1.34 -22.84 3.52
N PHE A 167 -0.38 -22.47 2.68
CA PHE A 167 -0.05 -21.07 2.43
C PHE A 167 0.06 -20.83 0.94
N VAL A 168 -0.56 -19.76 0.45
CA VAL A 168 -0.50 -19.44 -0.97
C VAL A 168 0.16 -18.07 -1.12
N ILE A 169 1.20 -17.98 -1.95
CA ILE A 169 1.94 -16.74 -2.21
C ILE A 169 1.36 -16.09 -3.44
N TYR A 170 1.78 -14.86 -3.74
CA TYR A 170 1.29 -14.08 -4.87
C TYR A 170 2.33 -13.73 -5.90
N ASN A 171 1.82 -13.41 -7.07
CA ASN A 171 2.55 -12.78 -8.16
C ASN A 171 1.57 -11.70 -8.66
N ILE A 172 1.75 -10.44 -8.20
CA ILE A 172 0.88 -9.29 -8.55
C ILE A 172 1.77 -8.07 -8.83
N PRO A 173 2.62 -8.16 -9.87
CA PRO A 173 3.54 -7.04 -10.17
C PRO A 173 2.86 -5.71 -10.40
N GLN A 174 1.70 -5.74 -11.03
CA GLN A 174 1.04 -4.49 -11.36
C GLN A 174 0.62 -3.63 -10.15
N LEU A 175 0.34 -4.24 -8.97
CA LEU A 175 -0.11 -3.42 -7.80
C LEU A 175 0.97 -3.36 -6.78
N ALA A 176 1.51 -4.53 -6.38
CA ALA A 176 2.59 -4.55 -5.39
C ALA A 176 4.05 -4.22 -5.92
N GLY A 177 4.22 -3.81 -7.19
CA GLY A 177 5.53 -3.39 -7.71
C GLY A 177 6.24 -4.31 -8.69
N VAL A 178 6.84 -5.44 -8.18
CA VAL A 178 7.61 -6.45 -8.97
C VAL A 178 7.00 -7.85 -8.86
N ALA A 179 7.21 -8.63 -9.95
CA ALA A 179 6.73 -9.99 -10.14
C ALA A 179 7.51 -11.03 -9.38
N LEU A 180 6.79 -12.09 -8.95
CA LEU A 180 7.38 -13.26 -8.30
C LEU A 180 8.40 -13.88 -9.25
N THR A 181 9.65 -13.90 -8.84
CA THR A 181 10.70 -14.48 -9.65
C THR A 181 10.74 -15.95 -9.34
N GLN A 182 11.42 -16.70 -10.20
CA GLN A 182 11.60 -18.14 -10.02
C GLN A 182 12.54 -18.37 -8.81
N ASN A 183 13.51 -17.44 -8.57
CA ASN A 183 14.40 -17.56 -7.40
C ASN A 183 13.66 -17.35 -6.06
N LEU A 184 12.70 -16.41 -5.98
CA LEU A 184 11.95 -16.19 -4.74
C LEU A 184 10.99 -17.38 -4.56
N PHE A 185 10.43 -17.91 -5.69
CA PHE A 185 9.54 -19.05 -5.64
C PHE A 185 10.28 -20.29 -5.21
N VAL A 186 11.50 -20.51 -5.71
CA VAL A 186 12.33 -21.65 -5.25
C VAL A 186 12.54 -21.55 -3.73
N GLU A 187 12.86 -20.33 -3.25
CA GLU A 187 13.07 -20.08 -1.82
C GLU A 187 11.78 -20.41 -1.03
N MET A 188 10.59 -20.01 -1.54
CA MET A 188 9.29 -20.28 -0.89
C MET A 188 8.89 -21.73 -0.88
N ARG A 189 9.31 -22.49 -1.89
CA ARG A 189 9.02 -23.93 -1.93
C ARG A 189 9.81 -24.67 -0.82
N LYS A 190 10.83 -24.04 -0.18
CA LYS A 190 11.53 -24.65 0.95
C LYS A 190 10.60 -24.72 2.17
N ASN A 191 9.58 -23.86 2.24
CA ASN A 191 8.60 -23.90 3.32
C ASN A 191 7.57 -24.97 2.89
N PRO A 192 7.39 -26.08 3.65
CA PRO A 192 6.46 -27.12 3.20
C PRO A 192 5.00 -26.73 3.21
N ASN A 193 4.61 -25.67 3.94
CA ASN A 193 3.22 -25.22 3.96
C ASN A 193 2.80 -24.51 2.67
N VAL A 194 3.77 -24.06 1.85
CA VAL A 194 3.45 -23.37 0.61
C VAL A 194 2.83 -24.37 -0.36
N ILE A 195 1.55 -24.20 -0.70
CA ILE A 195 0.85 -25.09 -1.63
C ILE A 195 0.80 -24.53 -3.05
N GLY A 196 1.23 -23.29 -3.27
CA GLY A 196 1.13 -22.68 -4.58
C GLY A 196 1.09 -21.16 -4.64
N VAL A 197 0.73 -20.63 -5.81
CA VAL A 197 0.71 -19.22 -6.12
C VAL A 197 -0.65 -18.74 -6.65
N LYS A 198 -1.07 -17.52 -6.27
CA LYS A 198 -2.23 -16.84 -6.84
C LYS A 198 -1.59 -15.89 -7.90
N ASN A 199 -1.68 -16.27 -9.19
CA ASN A 199 -1.06 -15.50 -10.25
C ASN A 199 -2.00 -14.39 -10.75
N SER A 200 -1.75 -13.14 -10.30
CA SER A 200 -2.49 -11.95 -10.69
C SER A 200 -1.87 -11.22 -11.87
N SER A 201 -0.61 -11.52 -12.26
CA SER A 201 -0.02 -10.91 -13.46
C SER A 201 -0.81 -11.30 -14.72
N MET A 202 -0.63 -10.54 -15.80
CA MET A 202 -1.34 -10.75 -17.08
C MET A 202 -0.77 -11.85 -17.95
N PRO A 203 0.55 -12.09 -18.06
CA PRO A 203 1.03 -13.20 -18.91
C PRO A 203 0.66 -14.59 -18.37
N VAL A 204 -0.05 -15.37 -19.20
CA VAL A 204 -0.41 -16.78 -18.87
C VAL A 204 0.85 -17.65 -18.87
N GLN A 205 1.96 -17.15 -19.48
CA GLN A 205 3.28 -17.77 -19.44
C GLN A 205 3.74 -17.89 -17.99
N ASP A 206 3.42 -16.89 -17.14
CA ASP A 206 3.80 -16.94 -15.72
C ASP A 206 3.21 -18.18 -15.02
N ILE A 207 1.95 -18.52 -15.33
CA ILE A 207 1.28 -19.70 -14.79
C ILE A 207 2.05 -20.93 -15.23
N GLN A 208 2.35 -20.97 -16.53
CA GLN A 208 3.02 -22.10 -17.14
C GLN A 208 4.37 -22.31 -16.51
N MET A 209 5.14 -21.23 -16.36
CA MET A 209 6.47 -21.28 -15.79
C MET A 209 6.45 -21.69 -14.32
N PHE A 210 5.54 -21.14 -13.52
CA PHE A 210 5.44 -21.55 -12.12
C PHE A 210 4.96 -22.99 -11.99
N LYS A 211 3.98 -23.44 -12.81
CA LYS A 211 3.47 -24.83 -12.72
C LYS A 211 4.57 -25.83 -13.11
N GLN A 212 5.29 -25.53 -14.21
CA GLN A 212 6.38 -26.36 -14.68
C GLN A 212 7.50 -26.47 -13.65
N ALA A 213 7.89 -25.34 -13.03
CA ALA A 213 8.96 -25.32 -12.02
C ALA A 213 8.59 -26.04 -10.72
N ALA A 214 7.33 -25.88 -10.27
CA ALA A 214 6.83 -26.45 -9.03
C ALA A 214 6.39 -27.91 -9.12
N GLY A 215 5.71 -28.29 -10.20
CA GLY A 215 5.24 -29.66 -10.39
C GLY A 215 3.86 -29.99 -9.85
N ALA A 216 3.54 -31.29 -9.76
CA ALA A 216 2.20 -31.73 -9.38
C ALA A 216 1.79 -31.49 -7.93
N GLU A 217 2.74 -31.27 -6.98
CA GLU A 217 2.38 -31.01 -5.57
C GLU A 217 1.99 -29.55 -5.23
N TYR A 218 1.89 -28.67 -6.25
CA TYR A 218 1.56 -27.27 -6.09
C TYR A 218 0.44 -26.89 -7.04
N ILE A 219 -0.27 -25.80 -6.75
CA ILE A 219 -1.38 -25.32 -7.59
C ILE A 219 -1.18 -23.83 -7.91
N ILE A 220 -1.50 -23.40 -9.13
CA ILE A 220 -1.47 -21.99 -9.45
C ILE A 220 -2.90 -21.59 -9.70
N PHE A 221 -3.35 -20.53 -9.01
CA PHE A 221 -4.71 -20.02 -9.16
C PHE A 221 -4.69 -18.92 -10.20
N ASN A 222 -5.61 -19.01 -11.17
CA ASN A 222 -5.74 -17.96 -12.17
C ASN A 222 -6.31 -16.69 -11.52
N GLY A 223 -5.58 -15.57 -11.63
CA GLY A 223 -6.02 -14.27 -11.14
C GLY A 223 -6.88 -13.48 -12.13
N PRO A 224 -6.38 -13.19 -13.35
CA PRO A 224 -7.16 -12.35 -14.31
C PRO A 224 -8.47 -13.01 -14.78
N ASP A 225 -9.62 -12.54 -14.23
CA ASP A 225 -10.94 -13.09 -14.57
C ASP A 225 -11.20 -13.14 -16.07
N GLU A 226 -10.73 -12.12 -16.80
CA GLU A 226 -10.90 -11.95 -18.24
C GLU A 226 -10.13 -12.98 -19.07
N GLN A 227 -9.14 -13.68 -18.46
CA GLN A 227 -8.34 -14.72 -19.10
C GLN A 227 -8.56 -16.08 -18.42
N PHE A 228 -9.67 -16.24 -17.66
CA PHE A 228 -9.99 -17.48 -16.94
C PHE A 228 -9.71 -18.73 -17.77
N MET A 229 -10.30 -18.82 -18.97
CA MET A 229 -10.16 -20.03 -19.78
C MET A 229 -8.75 -20.28 -20.23
N SER A 230 -7.99 -19.20 -20.52
CA SER A 230 -6.62 -19.28 -21.00
C SER A 230 -5.62 -19.70 -19.91
N GLY A 231 -5.78 -19.14 -18.72
CA GLY A 231 -4.93 -19.49 -17.58
C GLY A 231 -5.25 -20.88 -17.10
N ARG A 232 -6.52 -21.32 -17.23
CA ARG A 232 -6.90 -22.68 -16.84
C ARG A 232 -6.27 -23.73 -17.75
N VAL A 233 -6.38 -23.57 -19.09
CA VAL A 233 -5.82 -24.60 -20.00
C VAL A 233 -4.31 -24.75 -19.89
N ILE A 234 -3.58 -23.65 -19.68
CA ILE A 234 -2.11 -23.70 -19.66
C ILE A 234 -1.54 -24.24 -18.34
N GLY A 235 -2.35 -24.52 -17.32
CA GLY A 235 -1.80 -25.04 -16.07
C GLY A 235 -2.41 -24.62 -14.75
N ALA A 236 -3.32 -23.60 -14.73
CA ALA A 236 -3.94 -23.19 -13.48
C ALA A 236 -5.10 -24.13 -13.14
N GLU A 237 -4.94 -24.97 -12.11
CA GLU A 237 -6.03 -25.86 -11.74
C GLU A 237 -6.99 -25.13 -10.83
N GLY A 238 -6.54 -24.00 -10.26
CA GLY A 238 -7.36 -23.14 -9.41
C GLY A 238 -7.70 -21.83 -10.10
N ALA A 239 -8.71 -21.13 -9.60
CA ALA A 239 -9.16 -19.87 -10.15
C ALA A 239 -9.87 -19.07 -9.05
N ILE A 240 -9.29 -17.91 -8.69
CA ILE A 240 -9.84 -16.99 -7.68
C ILE A 240 -10.03 -15.64 -8.40
N GLY A 241 -11.23 -15.10 -8.34
CA GLY A 241 -11.55 -13.86 -9.02
C GLY A 241 -12.53 -12.97 -8.29
N GLY A 242 -12.39 -11.67 -8.53
CA GLY A 242 -13.23 -10.64 -7.93
C GLY A 242 -14.56 -10.45 -8.60
N THR A 243 -14.73 -10.90 -9.86
CA THR A 243 -16.03 -10.76 -10.56
C THR A 243 -16.87 -12.03 -10.45
N TYR A 244 -16.32 -13.11 -9.89
CA TYR A 244 -17.04 -14.38 -9.82
C TYR A 244 -18.34 -14.28 -9.04
N GLY A 245 -18.32 -13.53 -7.94
CA GLY A 245 -19.48 -13.32 -7.10
C GLY A 245 -20.68 -12.71 -7.80
N ALA A 246 -20.46 -11.92 -8.85
CA ALA A 246 -21.55 -11.32 -9.60
C ALA A 246 -22.33 -12.34 -10.51
N MET A 247 -21.67 -13.44 -10.93
CA MET A 247 -22.23 -14.41 -11.87
C MET A 247 -21.53 -15.75 -11.68
N PRO A 248 -21.64 -16.33 -10.47
CA PRO A 248 -20.88 -17.55 -10.18
C PRO A 248 -21.22 -18.73 -11.10
N GLU A 249 -22.51 -18.87 -11.46
CA GLU A 249 -23.01 -19.95 -12.34
C GLU A 249 -22.33 -19.88 -13.71
N LEU A 250 -21.97 -18.66 -14.20
CA LEU A 250 -21.27 -18.54 -15.49
C LEU A 250 -19.85 -19.12 -15.40
N TYR A 251 -19.10 -18.78 -14.35
CA TYR A 251 -17.75 -19.34 -14.20
C TYR A 251 -17.77 -20.84 -13.96
N LEU A 252 -18.77 -21.36 -13.22
CA LEU A 252 -18.92 -22.81 -13.02
C LEU A 252 -19.24 -23.50 -14.35
N LYS A 253 -20.11 -22.89 -15.17
CA LYS A 253 -20.43 -23.44 -16.49
C LYS A 253 -19.20 -23.38 -17.40
N LEU A 254 -18.47 -22.24 -17.41
CA LEU A 254 -17.23 -22.04 -18.17
C LEU A 254 -16.20 -23.12 -17.79
N ASP A 255 -16.08 -23.37 -16.48
CA ASP A 255 -15.16 -24.37 -15.98
C ASP A 255 -15.60 -25.78 -16.42
N GLU A 256 -16.94 -26.05 -16.42
CA GLU A 256 -17.47 -27.34 -16.87
C GLU A 256 -17.11 -27.57 -18.36
N CYS A 257 -17.22 -26.54 -19.21
CA CYS A 257 -16.81 -26.61 -20.61
C CYS A 257 -15.30 -26.86 -20.75
N ILE A 258 -14.46 -26.19 -19.93
CA ILE A 258 -13.00 -26.33 -19.98
C ILE A 258 -12.63 -27.78 -19.63
N ASN A 259 -13.19 -28.29 -18.53
CA ASN A 259 -12.98 -29.68 -18.11
C ASN A 259 -13.54 -30.68 -19.12
N ALA A 260 -14.64 -30.34 -19.81
CA ALA A 260 -15.23 -31.22 -20.83
C ALA A 260 -14.47 -31.09 -22.17
N GLY A 261 -13.67 -30.05 -22.33
CA GLY A 261 -12.89 -29.82 -23.55
C GLY A 261 -13.65 -29.16 -24.69
N LYS A 262 -14.84 -28.56 -24.43
CA LYS A 262 -15.61 -27.84 -25.46
C LYS A 262 -15.17 -26.35 -25.43
N MET A 263 -14.08 -26.03 -26.14
CA MET A 263 -13.49 -24.68 -26.16
C MET A 263 -14.35 -23.64 -26.86
N THR A 264 -15.28 -24.04 -27.75
CA THR A 264 -16.15 -23.10 -28.45
C THR A 264 -17.22 -22.57 -27.47
N GLU A 265 -17.88 -23.47 -26.70
CA GLU A 265 -18.87 -23.09 -25.68
C GLU A 265 -18.20 -22.32 -24.54
N ALA A 266 -16.96 -22.68 -24.17
CA ALA A 266 -16.18 -21.99 -23.14
C ALA A 266 -15.86 -20.56 -23.60
N ARG A 267 -15.41 -20.42 -24.84
CA ARG A 267 -15.09 -19.13 -25.44
C ARG A 267 -16.33 -18.24 -25.54
N LYS A 268 -17.52 -18.82 -25.75
CA LYS A 268 -18.74 -18.03 -25.79
C LYS A 268 -19.08 -17.47 -24.40
N ILE A 269 -18.89 -18.29 -23.33
CA ILE A 269 -19.14 -17.89 -21.95
C ILE A 269 -18.09 -16.84 -21.52
N GLN A 270 -16.80 -17.08 -21.84
CA GLN A 270 -15.71 -16.13 -21.54
C GLN A 270 -16.01 -14.75 -22.11
N TYR A 271 -16.42 -14.70 -23.38
CA TYR A 271 -16.75 -13.44 -24.03
C TYR A 271 -17.94 -12.76 -23.35
N ALA A 272 -18.98 -13.52 -22.99
CA ALA A 272 -20.14 -12.99 -22.29
C ALA A 272 -19.70 -12.42 -20.94
N CYS A 273 -18.87 -13.17 -20.17
CA CYS A 273 -18.37 -12.68 -18.87
C CYS A 273 -17.56 -11.41 -19.07
N ASN A 274 -16.69 -11.39 -20.08
CA ASN A 274 -15.81 -10.24 -20.31
C ASN A 274 -16.57 -8.98 -20.68
N GLU A 275 -17.64 -9.07 -21.49
CA GLU A 275 -18.43 -7.86 -21.81
C GLU A 275 -19.19 -7.35 -20.57
N ILE A 276 -19.61 -8.26 -19.67
CA ILE A 276 -20.23 -7.88 -18.41
C ILE A 276 -19.20 -7.10 -17.56
N ILE A 277 -17.96 -7.61 -17.45
CA ILE A 277 -16.89 -6.96 -16.69
C ILE A 277 -16.63 -5.57 -17.25
N TYR A 278 -16.49 -5.44 -18.57
CA TYR A 278 -16.19 -4.17 -19.20
C TYR A 278 -17.37 -3.18 -18.92
N LYS A 279 -18.64 -3.66 -18.88
CA LYS A 279 -19.81 -2.81 -18.55
C LYS A 279 -19.72 -2.39 -17.07
N MET A 280 -19.38 -3.34 -16.16
CA MET A 280 -19.25 -3.05 -14.74
C MET A 280 -18.13 -2.03 -14.46
N CYS A 281 -17.04 -2.06 -15.27
CA CYS A 281 -15.89 -1.13 -15.14
C CYS A 281 -16.13 0.23 -15.76
N SER A 282 -17.16 0.37 -16.59
CA SER A 282 -17.49 1.64 -17.25
C SER A 282 -18.21 2.64 -16.33
N ALA A 283 -18.55 2.28 -15.10
CA ALA A 283 -19.20 3.21 -14.18
C ALA A 283 -18.20 4.19 -13.56
N HIS A 284 -18.71 5.30 -13.06
CA HIS A 284 -17.92 6.27 -12.29
C HIS A 284 -17.55 5.61 -10.94
N GLY A 285 -18.52 4.97 -10.29
CA GLY A 285 -18.27 4.27 -9.04
C GLY A 285 -17.43 3.02 -9.27
N ASN A 286 -16.73 2.59 -8.21
CA ASN A 286 -15.87 1.43 -8.23
C ASN A 286 -16.60 0.13 -8.69
N MET A 287 -15.86 -0.82 -9.29
CA MET A 287 -16.44 -2.08 -9.76
C MET A 287 -17.12 -2.85 -8.62
N TYR A 288 -16.50 -2.88 -7.43
CA TYR A 288 -17.10 -3.60 -6.33
C TYR A 288 -18.37 -2.90 -5.85
N ALA A 289 -18.49 -1.55 -6.03
CA ALA A 289 -19.72 -0.83 -5.70
C ALA A 289 -20.79 -1.25 -6.70
N VAL A 290 -20.42 -1.32 -8.00
CA VAL A 290 -21.30 -1.80 -9.06
C VAL A 290 -21.78 -3.23 -8.71
N ILE A 291 -20.87 -4.15 -8.35
CA ILE A 291 -21.21 -5.55 -8.05
C ILE A 291 -22.17 -5.65 -6.87
N LYS A 292 -21.92 -4.92 -5.78
CA LYS A 292 -22.84 -4.96 -4.63
C LYS A 292 -24.23 -4.46 -5.03
N ALA A 293 -24.31 -3.48 -5.94
CA ALA A 293 -25.63 -3.00 -6.43
C ALA A 293 -26.29 -4.01 -7.40
N ILE A 294 -25.49 -4.78 -8.17
CA ILE A 294 -26.02 -5.85 -9.04
C ILE A 294 -26.59 -6.97 -8.15
N LEU A 295 -25.85 -7.39 -7.12
CA LEU A 295 -26.31 -8.44 -6.21
C LEU A 295 -27.56 -7.98 -5.46
N LYS A 296 -27.73 -6.67 -5.23
CA LYS A 296 -28.94 -6.15 -4.58
C LYS A 296 -30.13 -6.30 -5.55
N ILE A 297 -29.92 -6.02 -6.85
CA ILE A 297 -30.96 -6.18 -7.87
C ILE A 297 -31.25 -7.66 -8.12
N ASN A 298 -30.25 -8.44 -8.55
CA ASN A 298 -30.46 -9.85 -8.92
C ASN A 298 -30.72 -10.82 -7.79
N GLU A 299 -30.22 -10.56 -6.58
CA GLU A 299 -30.34 -11.51 -5.46
C GLU A 299 -31.00 -10.96 -4.18
N GLY A 300 -31.23 -9.65 -4.09
CA GLY A 300 -31.76 -9.06 -2.88
C GLY A 300 -30.77 -9.04 -1.72
N LEU A 301 -29.46 -9.23 -2.01
CA LEU A 301 -28.43 -9.19 -0.98
C LEU A 301 -28.12 -7.74 -0.68
N GLU A 302 -27.94 -7.39 0.59
CA GLU A 302 -27.59 -6.03 1.01
C GLU A 302 -26.15 -6.09 1.55
N LEU A 303 -25.16 -5.79 0.69
CA LEU A 303 -23.76 -5.83 1.08
C LEU A 303 -23.20 -4.45 1.46
N GLY A 304 -24.04 -3.41 1.46
CA GLY A 304 -23.57 -2.07 1.78
C GLY A 304 -22.83 -1.44 0.61
N ALA A 305 -22.13 -0.33 0.88
CA ALA A 305 -21.36 0.42 -0.13
C ALA A 305 -19.88 -0.02 -0.12
N VAL A 306 -19.00 0.75 -0.77
CA VAL A 306 -17.57 0.44 -0.76
C VAL A 306 -16.89 1.49 0.16
N ARG A 307 -15.85 1.05 0.93
CA ARG A 307 -15.14 1.92 1.88
C ARG A 307 -14.28 2.94 1.14
N GLU A 308 -14.38 4.22 1.53
CA GLU A 308 -13.55 5.29 0.96
C GLU A 308 -12.08 4.99 1.30
N PRO A 309 -11.09 5.22 0.38
CA PRO A 309 -11.19 6.02 -0.87
C PRO A 309 -11.79 5.36 -2.11
N LEU A 310 -12.33 4.13 -2.05
CA LEU A 310 -12.97 3.55 -3.25
C LEU A 310 -14.16 4.44 -3.70
N PRO A 311 -14.28 4.86 -4.98
CA PRO A 311 -15.36 5.80 -5.36
C PRO A 311 -16.77 5.19 -5.31
N ALA A 312 -17.69 5.91 -4.68
CA ALA A 312 -19.08 5.45 -4.61
C ALA A 312 -19.76 5.60 -5.96
N LEU A 313 -20.89 4.89 -6.12
CA LEU A 313 -21.72 4.98 -7.31
C LEU A 313 -22.41 6.32 -7.25
N VAL A 314 -22.69 6.90 -8.44
CA VAL A 314 -23.40 8.18 -8.58
C VAL A 314 -24.77 7.89 -9.22
N ASP A 315 -25.66 8.86 -9.26
CA ASP A 315 -26.99 8.62 -9.87
C ASP A 315 -26.87 8.14 -11.32
N GLU A 316 -25.93 8.71 -12.07
CA GLU A 316 -25.68 8.38 -13.47
C GLU A 316 -25.24 6.90 -13.69
N ASP A 317 -24.68 6.24 -12.67
CA ASP A 317 -24.25 4.85 -12.78
C ASP A 317 -25.36 3.84 -12.69
N MET A 318 -26.55 4.22 -12.19
CA MET A 318 -27.63 3.24 -12.02
C MET A 318 -28.09 2.59 -13.32
N GLU A 319 -28.02 3.30 -14.45
CA GLU A 319 -28.40 2.68 -15.73
C GLU A 319 -27.35 1.63 -16.09
N ILE A 320 -26.04 1.91 -15.82
CA ILE A 320 -24.95 0.91 -16.06
C ILE A 320 -25.15 -0.30 -15.13
N VAL A 321 -25.54 -0.04 -13.87
CA VAL A 321 -25.80 -1.08 -12.87
C VAL A 321 -26.97 -1.98 -13.31
N LYS A 322 -28.06 -1.37 -13.83
CA LYS A 322 -29.22 -2.12 -14.32
C LYS A 322 -28.90 -2.90 -15.60
N GLU A 323 -28.19 -2.29 -16.55
CA GLU A 323 -27.76 -2.93 -17.79
C GLU A 323 -26.86 -4.16 -17.49
N ALA A 324 -25.90 -4.04 -16.57
CA ALA A 324 -25.03 -5.19 -16.24
C ALA A 324 -25.82 -6.31 -15.59
N ALA A 325 -26.73 -5.97 -14.66
CA ALA A 325 -27.53 -6.98 -13.97
C ALA A 325 -28.36 -7.80 -14.98
N GLN A 326 -28.95 -7.11 -15.99
CA GLN A 326 -29.71 -7.76 -17.06
C GLN A 326 -28.80 -8.60 -17.97
N MET A 327 -27.58 -8.14 -18.27
CA MET A 327 -26.64 -8.93 -19.07
C MET A 327 -26.30 -10.23 -18.36
N ILE A 328 -26.24 -10.21 -17.01
CA ILE A 328 -25.96 -11.42 -16.22
C ILE A 328 -27.15 -12.37 -16.36
N CYS A 329 -28.37 -11.90 -16.08
CA CYS A 329 -29.60 -12.70 -16.25
C CYS A 329 -29.68 -13.32 -17.64
N ASP A 330 -29.40 -12.52 -18.69
CA ASP A 330 -29.43 -12.99 -20.08
C ASP A 330 -28.37 -14.05 -20.36
N ALA A 331 -27.15 -13.88 -19.83
CA ALA A 331 -26.08 -14.87 -20.03
C ALA A 331 -26.45 -16.22 -19.41
N LYS A 332 -27.03 -16.18 -18.20
CA LYS A 332 -27.45 -17.37 -17.47
C LYS A 332 -28.49 -18.17 -18.28
N LYS A 333 -29.53 -17.51 -18.80
CA LYS A 333 -30.56 -18.13 -19.63
C LYS A 333 -29.98 -18.74 -20.94
N LYS A 334 -28.98 -18.06 -21.55
CA LYS A 334 -28.34 -18.52 -22.80
C LYS A 334 -27.43 -19.72 -22.62
N PHE A 335 -26.62 -19.73 -21.55
CA PHE A 335 -25.62 -20.77 -21.35
C PHE A 335 -25.94 -21.84 -20.34
N LEU A 336 -26.89 -21.64 -19.42
CA LEU A 336 -27.21 -22.67 -18.41
C LEU A 336 -28.44 -23.49 -18.82
N GLU B 36 7.40 31.06 3.56
CA GLU B 36 8.74 31.27 4.10
C GLU B 36 9.07 30.24 5.19
N LYS B 37 8.09 29.92 6.07
CA LYS B 37 8.29 28.93 7.14
C LYS B 37 8.52 27.50 6.61
N TYR B 38 8.15 27.22 5.33
CA TYR B 38 8.36 25.93 4.67
C TYR B 38 9.62 25.89 3.78
N LYS B 39 10.33 27.02 3.61
CA LYS B 39 11.49 27.10 2.73
C LYS B 39 12.76 26.64 3.45
N GLY B 40 13.55 25.78 2.82
CA GLY B 40 14.78 25.26 3.38
C GLY B 40 14.79 23.76 3.56
N VAL B 41 15.55 23.30 4.54
CA VAL B 41 15.78 21.88 4.83
C VAL B 41 14.81 21.39 5.91
N ILE B 42 13.88 20.50 5.54
CA ILE B 42 12.91 19.87 6.43
C ILE B 42 13.16 18.34 6.41
N PRO B 43 13.99 17.79 7.31
CA PRO B 43 14.20 16.33 7.31
C PRO B 43 12.94 15.53 7.61
N ALA B 44 12.82 14.33 7.05
CA ALA B 44 11.72 13.43 7.39
C ALA B 44 12.09 12.84 8.77
N PHE B 45 11.11 12.75 9.68
CA PHE B 45 11.32 12.33 11.04
C PHE B 45 11.22 10.83 11.11
N TYR B 46 12.24 10.18 11.69
CA TYR B 46 12.28 8.71 11.76
C TYR B 46 11.39 8.12 12.81
N ALA B 47 11.11 6.83 12.67
CA ALA B 47 10.34 6.08 13.64
C ALA B 47 11.25 5.77 14.81
N CYS B 48 10.89 6.20 16.02
CA CYS B 48 11.69 5.98 17.22
C CYS B 48 11.08 4.91 18.08
N TYR B 49 11.69 3.72 18.14
CA TYR B 49 11.16 2.63 18.95
C TYR B 49 11.96 2.38 20.21
N ASP B 50 11.32 1.64 21.14
CA ASP B 50 11.95 1.17 22.36
C ASP B 50 12.50 -0.21 22.01
N LYS B 51 13.11 -0.92 22.96
CA LYS B 51 13.66 -2.26 22.66
C LYS B 51 12.56 -3.33 22.41
N GLU B 52 11.30 -3.06 22.79
CA GLU B 52 10.18 -3.99 22.57
C GLU B 52 9.47 -3.79 21.21
N GLY B 53 9.95 -2.87 20.37
CA GLY B 53 9.36 -2.58 19.07
C GLY B 53 8.12 -1.69 19.08
N ASN B 54 7.90 -0.95 20.17
CA ASN B 54 6.75 -0.05 20.32
C ASN B 54 7.26 1.39 20.28
N ILE B 55 6.41 2.36 19.91
CA ILE B 55 6.83 3.75 19.81
C ILE B 55 7.38 4.26 21.14
N SER B 56 8.57 4.89 21.10
CA SER B 56 9.23 5.41 22.30
C SER B 56 9.00 6.91 22.45
N PRO B 57 8.20 7.35 23.45
CA PRO B 57 8.02 8.80 23.67
C PRO B 57 9.35 9.51 23.92
N GLU B 58 10.21 8.89 24.75
CA GLU B 58 11.54 9.41 25.08
C GLU B 58 12.41 9.51 23.82
N GLY B 59 12.32 8.50 22.96
CA GLY B 59 13.05 8.45 21.69
C GLY B 59 12.64 9.55 20.72
N VAL B 60 11.32 9.79 20.62
CA VAL B 60 10.79 10.85 19.76
C VAL B 60 11.27 12.22 20.30
N GLN B 61 10.94 12.54 21.58
CA GLN B 61 11.39 13.80 22.21
C GLN B 61 12.91 13.96 22.00
N GLY B 62 13.67 12.88 22.18
CA GLY B 62 15.10 12.85 21.95
C GLY B 62 15.50 13.22 20.53
N LEU B 63 14.87 12.58 19.52
CA LEU B 63 15.17 12.89 18.11
C LEU B 63 14.71 14.31 17.71
N THR B 64 13.65 14.85 18.35
CA THR B 64 13.20 16.21 18.06
C THR B 64 14.19 17.22 18.65
N LYS B 65 14.78 16.94 19.83
CA LYS B 65 15.78 17.83 20.43
C LYS B 65 17.01 17.89 19.52
N TYR B 66 17.30 16.78 18.83
CA TYR B 66 18.41 16.67 17.88
C TYR B 66 18.22 17.62 16.69
N PHE B 67 17.02 17.65 16.09
CA PHE B 67 16.73 18.52 14.97
C PHE B 67 16.68 20.01 15.33
N VAL B 68 16.16 20.35 16.52
CA VAL B 68 16.15 21.73 17.01
C VAL B 68 17.62 22.19 17.13
N LYS B 69 18.47 21.36 17.78
CA LYS B 69 19.91 21.58 17.98
C LYS B 69 20.66 21.80 16.67
N LYS B 70 20.32 21.03 15.61
CA LYS B 70 21.00 21.14 14.31
C LYS B 70 20.55 22.34 13.47
N GLY B 71 19.51 23.05 13.90
CA GLY B 71 19.09 24.28 13.25
C GLY B 71 18.40 24.10 11.91
N VAL B 72 17.66 22.97 11.73
CA VAL B 72 16.91 22.71 10.49
C VAL B 72 15.63 23.54 10.51
N LYS B 73 15.02 23.80 9.34
CA LYS B 73 13.81 24.63 9.26
C LYS B 73 12.60 23.94 9.91
N GLY B 74 12.39 22.67 9.61
CA GLY B 74 11.27 21.93 10.17
C GLY B 74 11.47 20.44 10.27
N VAL B 75 10.38 19.73 10.53
CA VAL B 75 10.39 18.28 10.64
C VAL B 75 9.10 17.70 9.96
N TYR B 76 9.25 16.71 9.07
CA TYR B 76 8.16 16.05 8.34
C TYR B 76 7.88 14.74 9.07
N VAL B 77 6.80 14.69 9.85
CA VAL B 77 6.46 13.60 10.76
C VAL B 77 5.53 12.59 10.16
N ASN B 78 5.79 11.31 10.45
CA ASN B 78 4.98 10.17 10.04
C ASN B 78 4.79 10.03 8.51
N GLY B 79 5.85 10.30 7.78
CA GLY B 79 5.91 10.06 6.34
C GLY B 79 6.39 8.64 6.17
N SER B 80 6.60 8.18 4.94
CA SER B 80 7.08 6.82 4.73
C SER B 80 8.49 6.57 5.39
N SER B 81 9.33 7.63 5.46
CA SER B 81 10.64 7.55 6.14
C SER B 81 10.43 7.37 7.65
N GLY B 82 9.25 7.78 8.14
CA GLY B 82 8.83 7.57 9.51
C GLY B 82 8.11 6.25 9.71
N GLU B 83 8.18 5.33 8.72
CA GLU B 83 7.57 4.00 8.76
C GLU B 83 6.05 4.03 8.94
N CYS B 84 5.40 5.10 8.44
CA CYS B 84 3.96 5.33 8.59
C CYS B 84 3.09 4.18 8.08
N ILE B 85 3.50 3.52 6.97
CA ILE B 85 2.80 2.34 6.38
C ILE B 85 2.62 1.23 7.44
N TYR B 86 3.61 1.12 8.37
CA TYR B 86 3.69 0.09 9.39
C TYR B 86 3.22 0.54 10.79
N GLN B 87 2.66 1.75 10.94
CA GLN B 87 2.23 2.21 12.26
C GLN B 87 0.72 2.15 12.32
N SER B 88 0.16 1.97 13.53
CA SER B 88 -1.28 2.02 13.77
C SER B 88 -1.67 3.49 13.94
N VAL B 89 -2.97 3.77 13.94
CA VAL B 89 -3.45 5.15 14.11
C VAL B 89 -2.93 5.68 15.47
N GLU B 90 -3.08 4.90 16.54
CA GLU B 90 -2.57 5.29 17.87
C GLU B 90 -1.05 5.46 17.91
N ASP B 91 -0.26 4.63 17.19
CA ASP B 91 1.19 4.80 17.13
C ASP B 91 1.55 6.18 16.57
N ARG B 92 0.87 6.60 15.51
CA ARG B 92 1.15 7.90 14.86
C ARG B 92 0.76 9.09 15.73
N LYS B 93 -0.35 8.99 16.49
CA LYS B 93 -0.77 10.05 17.42
C LYS B 93 0.31 10.26 18.50
N ILE B 94 0.89 9.18 19.02
CA ILE B 94 1.91 9.24 20.05
C ILE B 94 3.16 9.95 19.51
N VAL B 95 3.59 9.66 18.26
CA VAL B 95 4.75 10.32 17.67
C VAL B 95 4.54 11.83 17.58
N LEU B 96 3.50 12.28 16.88
CA LEU B 96 3.25 13.71 16.73
C LEU B 96 3.09 14.41 18.10
N GLU B 97 2.35 13.79 19.06
CA GLU B 97 2.20 14.35 20.42
C GLU B 97 3.57 14.65 21.02
N ASN B 98 4.48 13.67 21.00
CA ASN B 98 5.83 13.82 21.53
C ASN B 98 6.75 14.76 20.72
N VAL B 99 6.54 14.89 19.40
CA VAL B 99 7.30 15.86 18.61
C VAL B 99 6.84 17.26 19.07
N MET B 100 5.52 17.44 19.25
CA MET B 100 4.93 18.72 19.64
C MET B 100 5.30 19.18 21.04
N LYS B 101 5.69 18.27 21.95
CA LYS B 101 6.14 18.68 23.28
C LYS B 101 7.44 19.48 23.15
N VAL B 102 8.34 19.08 22.23
CA VAL B 102 9.66 19.70 21.99
C VAL B 102 9.60 20.78 20.92
N ALA B 103 9.01 20.48 19.78
CA ALA B 103 8.92 21.41 18.66
C ALA B 103 7.65 22.23 18.75
N GLU B 104 7.76 23.58 18.84
CA GLU B 104 6.55 24.42 18.90
C GLU B 104 6.77 25.76 18.21
N GLY B 105 7.68 26.57 18.73
CA GLY B 105 8.02 27.86 18.15
C GLY B 105 9.41 27.88 17.59
N LYS B 106 10.07 26.70 17.51
CA LYS B 106 11.43 26.58 17.01
C LYS B 106 11.45 25.92 15.64
N LEU B 107 10.68 24.83 15.43
CA LEU B 107 10.62 24.12 14.14
C LEU B 107 9.24 24.22 13.56
N THR B 108 9.13 24.18 12.23
CA THR B 108 7.83 24.14 11.58
C THR B 108 7.54 22.67 11.37
N VAL B 109 6.31 22.23 11.62
CA VAL B 109 5.98 20.82 11.55
C VAL B 109 4.96 20.50 10.47
N ILE B 110 5.32 19.56 9.56
CA ILE B 110 4.43 19.04 8.52
C ILE B 110 4.07 17.63 9.01
N ALA B 111 2.79 17.35 9.25
CA ALA B 111 2.37 16.03 9.71
C ALA B 111 1.74 15.24 8.58
N HIS B 112 2.38 14.14 8.16
CA HIS B 112 1.83 13.29 7.10
C HIS B 112 0.75 12.44 7.76
N VAL B 113 -0.51 12.60 7.31
CA VAL B 113 -1.66 11.94 7.93
C VAL B 113 -2.35 10.91 7.05
N ALA B 114 -1.85 10.60 5.85
CA ALA B 114 -2.56 9.61 5.01
C ALA B 114 -2.48 8.22 5.59
N CYS B 115 -3.54 7.45 5.43
CA CYS B 115 -3.66 6.05 5.85
C CYS B 115 -4.24 5.28 4.69
N ASN B 116 -4.35 3.96 4.80
CA ASN B 116 -4.95 3.17 3.71
C ASN B 116 -6.42 3.60 3.51
N ASN B 117 -7.13 3.90 4.63
CA ASN B 117 -8.52 4.37 4.72
C ASN B 117 -8.59 5.87 4.66
N THR B 118 -9.77 6.40 4.22
CA THR B 118 -10.04 7.83 4.30
C THR B 118 -10.36 8.15 5.76
N LYS B 119 -11.18 7.29 6.40
CA LYS B 119 -11.59 7.35 7.81
C LYS B 119 -10.38 7.53 8.78
N ASP B 120 -9.40 6.59 8.76
CA ASP B 120 -8.20 6.71 9.60
C ASP B 120 -7.42 7.97 9.25
N SER B 121 -7.32 8.31 7.97
CA SER B 121 -6.63 9.53 7.55
C SER B 121 -7.27 10.78 8.15
N GLN B 122 -8.62 10.85 8.16
CA GLN B 122 -9.37 11.99 8.72
C GLN B 122 -9.11 12.09 10.20
N GLU B 123 -9.05 10.95 10.91
CA GLU B 123 -8.74 10.91 12.35
C GLU B 123 -7.38 11.53 12.64
N LEU B 124 -6.35 11.20 11.86
CA LEU B 124 -5.02 11.79 12.05
C LEU B 124 -5.04 13.29 11.68
N ALA B 125 -5.82 13.67 10.68
CA ALA B 125 -5.92 15.07 10.25
C ALA B 125 -6.53 15.92 11.37
N ARG B 126 -7.66 15.45 11.97
CA ARG B 126 -8.30 16.11 13.11
C ARG B 126 -7.27 16.27 14.21
N HIS B 127 -6.68 15.13 14.65
CA HIS B 127 -5.72 15.06 15.73
C HIS B 127 -4.59 16.04 15.53
N ALA B 128 -4.00 16.05 14.34
CA ALA B 128 -2.89 16.93 14.03
C ALA B 128 -3.27 18.41 14.14
N GLU B 129 -4.47 18.77 13.68
CA GLU B 129 -4.93 20.15 13.81
C GLU B 129 -5.16 20.49 15.29
N GLY B 130 -5.64 19.52 16.06
CA GLY B 130 -5.84 19.65 17.50
C GLY B 130 -4.55 20.00 18.22
N LEU B 131 -3.40 19.50 17.74
CA LEU B 131 -2.08 19.82 18.32
C LEU B 131 -1.39 21.06 17.67
N GLY B 132 -2.06 21.76 16.74
CA GLY B 132 -1.53 22.96 16.09
C GLY B 132 -0.36 22.83 15.12
N VAL B 133 -0.39 21.81 14.23
CA VAL B 133 0.71 21.64 13.26
C VAL B 133 0.69 22.74 12.19
N ASP B 134 1.83 22.98 11.49
CA ASP B 134 1.85 24.00 10.44
C ASP B 134 1.12 23.54 9.20
N ALA B 135 1.38 22.29 8.77
CA ALA B 135 0.74 21.72 7.59
C ALA B 135 0.46 20.26 7.80
N ILE B 136 -0.35 19.74 6.92
CA ILE B 136 -0.74 18.35 6.90
C ILE B 136 -0.40 17.82 5.50
N ALA B 137 0.07 16.58 5.40
CA ALA B 137 0.46 16.02 4.11
C ALA B 137 -0.23 14.70 3.88
N ALA B 138 -0.35 14.29 2.60
CA ALA B 138 -1.01 13.06 2.23
C ALA B 138 -0.53 12.49 0.91
N ILE B 139 -0.05 11.23 0.95
CA ILE B 139 0.34 10.47 -0.24
C ILE B 139 -0.97 10.14 -0.95
N PRO B 140 -0.99 9.68 -2.21
CA PRO B 140 -2.28 9.33 -2.80
C PRO B 140 -2.76 8.00 -2.23
N PRO B 141 -3.98 7.58 -2.57
CA PRO B 141 -4.41 6.21 -2.21
C PRO B 141 -3.45 5.18 -2.78
N ILE B 142 -3.12 4.12 -2.01
CA ILE B 142 -2.13 3.10 -2.43
C ILE B 142 -2.79 1.74 -2.72
N TYR B 143 -1.97 0.81 -3.31
CA TYR B 143 -2.31 -0.53 -3.77
C TYR B 143 -3.19 -0.49 -5.05
N PHE B 144 -4.43 0.00 -4.94
CA PHE B 144 -5.32 0.12 -6.10
C PHE B 144 -4.99 1.42 -6.85
N HIS B 145 -5.15 1.42 -8.19
CA HIS B 145 -4.92 2.66 -8.99
C HIS B 145 -6.28 3.32 -9.22
N LEU B 146 -6.63 4.24 -8.33
CA LEU B 146 -7.95 4.86 -8.38
C LEU B 146 -7.99 6.04 -9.33
N PRO B 147 -9.18 6.41 -9.86
CA PRO B 147 -9.26 7.58 -10.75
C PRO B 147 -8.94 8.89 -10.03
N GLU B 148 -8.66 9.93 -10.81
CA GLU B 148 -8.33 11.25 -10.26
C GLU B 148 -9.43 11.81 -9.38
N TYR B 149 -10.71 11.55 -9.70
CA TYR B 149 -11.82 12.03 -8.85
C TYR B 149 -11.79 11.39 -7.44
N ALA B 150 -11.49 10.09 -7.35
CA ALA B 150 -11.36 9.40 -6.06
C ALA B 150 -10.16 9.90 -5.25
N ILE B 151 -9.05 10.22 -5.97
CA ILE B 151 -7.83 10.76 -5.36
C ILE B 151 -8.13 12.16 -4.85
N ALA B 152 -8.80 12.99 -5.69
CA ALA B 152 -9.21 14.35 -5.31
C ALA B 152 -10.16 14.29 -4.13
N GLN B 153 -11.11 13.34 -4.11
CA GLN B 153 -12.05 13.16 -2.99
C GLN B 153 -11.32 12.72 -1.72
N TYR B 154 -10.37 11.78 -1.83
CA TYR B 154 -9.57 11.30 -0.69
C TYR B 154 -8.83 12.45 -0.04
N TRP B 155 -8.08 13.23 -0.85
CA TRP B 155 -7.32 14.37 -0.35
C TRP B 155 -8.19 15.49 0.20
N ASN B 156 -9.28 15.81 -0.49
CA ASN B 156 -10.20 16.85 -0.01
C ASN B 156 -10.90 16.40 1.31
N ALA B 157 -11.24 15.11 1.43
CA ALA B 157 -11.86 14.60 2.65
C ALA B 157 -10.92 14.76 3.83
N ILE B 158 -9.60 14.51 3.63
CA ILE B 158 -8.56 14.67 4.66
C ILE B 158 -8.40 16.15 4.97
N SER B 159 -8.39 17.00 3.93
CA SER B 159 -8.26 18.44 4.10
C SER B 159 -9.45 19.00 4.88
N ALA B 160 -10.66 18.46 4.66
CA ALA B 160 -11.88 18.87 5.38
C ALA B 160 -11.83 18.53 6.87
N ALA B 161 -11.13 17.45 7.25
CA ALA B 161 -10.99 17.03 8.65
C ALA B 161 -10.04 17.95 9.46
N ALA B 162 -9.23 18.77 8.76
CA ALA B 162 -8.34 19.76 9.35
C ALA B 162 -8.50 21.03 8.50
N PRO B 163 -9.66 21.71 8.59
CA PRO B 163 -9.95 22.82 7.64
C PRO B 163 -9.26 24.16 7.86
N ASN B 164 -8.46 24.36 8.93
CA ASN B 164 -7.73 25.61 9.15
C ASN B 164 -6.24 25.38 9.08
N THR B 165 -5.81 24.28 8.45
CA THR B 165 -4.38 23.95 8.33
C THR B 165 -3.99 23.67 6.90
N ASP B 166 -2.79 24.16 6.53
CA ASP B 166 -2.17 24.03 5.23
C ASP B 166 -2.11 22.55 4.84
N PHE B 167 -2.19 22.27 3.55
CA PHE B 167 -2.21 20.90 3.05
C PHE B 167 -1.22 20.73 1.90
N VAL B 168 -0.37 19.67 1.96
CA VAL B 168 0.63 19.35 0.95
C VAL B 168 0.20 18.03 0.23
N ILE B 169 0.06 18.08 -1.12
CA ILE B 169 -0.26 16.89 -1.92
C ILE B 169 1.05 16.30 -2.43
N TYR B 170 0.98 15.11 -3.01
CA TYR B 170 2.15 14.39 -3.50
C TYR B 170 2.14 14.12 -4.98
N ASN B 171 3.33 13.87 -5.48
CA ASN B 171 3.59 13.33 -6.81
C ASN B 171 4.67 12.26 -6.54
N ILE B 172 4.25 10.96 -6.43
CA ILE B 172 5.14 9.82 -6.13
C ILE B 172 4.73 8.64 -7.04
N PRO B 173 4.87 8.83 -8.36
CA PRO B 173 4.45 7.76 -9.31
C PRO B 173 5.12 6.43 -9.08
N GLN B 174 6.39 6.47 -8.70
CA GLN B 174 7.13 5.23 -8.55
C GLN B 174 6.60 4.27 -7.45
N LEU B 175 5.93 4.81 -6.37
CA LEU B 175 5.46 3.90 -5.30
C LEU B 175 3.99 3.82 -5.34
N ALA B 176 3.29 4.97 -5.36
CA ALA B 176 1.82 4.95 -5.41
C ALA B 176 1.17 4.70 -6.85
N GLY B 177 1.95 4.37 -7.89
CA GLY B 177 1.39 4.03 -9.21
C GLY B 177 1.55 5.02 -10.36
N VAL B 178 0.73 6.14 -10.32
CA VAL B 178 0.73 7.23 -11.35
C VAL B 178 1.05 8.59 -10.77
N ALA B 179 1.67 9.45 -11.62
CA ALA B 179 2.09 10.81 -11.32
C ALA B 179 0.95 11.80 -11.29
N LEU B 180 1.08 12.80 -10.40
CA LEU B 180 0.17 13.96 -10.25
C LEU B 180 0.12 14.70 -11.60
N THR B 181 -1.03 14.66 -12.23
CA THR B 181 -1.23 15.31 -13.51
C THR B 181 -1.51 16.74 -13.23
N GLN B 182 -1.39 17.57 -14.27
CA GLN B 182 -1.66 18.99 -14.15
C GLN B 182 -3.14 19.18 -13.86
N ASN B 183 -3.99 18.40 -14.52
CA ASN B 183 -5.46 18.40 -14.34
C ASN B 183 -5.85 18.15 -12.88
N LEU B 184 -5.26 17.12 -12.27
CA LEU B 184 -5.53 16.84 -10.86
C LEU B 184 -5.00 18.01 -10.02
N PHE B 185 -3.81 18.51 -10.34
CA PHE B 185 -3.25 19.62 -9.61
C PHE B 185 -4.11 20.87 -9.71
N VAL B 186 -4.67 21.18 -10.88
CA VAL B 186 -5.59 22.31 -11.06
C VAL B 186 -6.82 22.11 -10.12
N GLU B 187 -7.36 20.87 -10.09
CA GLU B 187 -8.50 20.53 -9.25
C GLU B 187 -8.16 20.78 -7.77
N MET B 188 -6.99 20.34 -7.32
CA MET B 188 -6.59 20.51 -5.93
C MET B 188 -6.29 21.97 -5.53
N ARG B 189 -5.87 22.84 -6.50
CA ARG B 189 -5.65 24.27 -6.22
C ARG B 189 -7.01 24.96 -5.95
N LYS B 190 -8.16 24.32 -6.26
CA LYS B 190 -9.49 24.87 -5.91
C LYS B 190 -9.68 24.84 -4.40
N ASN B 191 -8.98 23.93 -3.68
CA ASN B 191 -9.05 23.88 -2.23
C ASN B 191 -8.04 24.94 -1.73
N PRO B 192 -8.48 26.00 -1.01
CA PRO B 192 -7.54 27.05 -0.60
C PRO B 192 -6.49 26.61 0.41
N ASN B 193 -6.70 25.50 1.13
CA ASN B 193 -5.71 25.02 2.09
C ASN B 193 -4.49 24.38 1.43
N VAL B 194 -4.58 24.01 0.14
CA VAL B 194 -3.47 23.38 -0.55
C VAL B 194 -2.37 24.42 -0.73
N ILE B 195 -1.19 24.20 -0.11
CA ILE B 195 -0.04 25.10 -0.21
C ILE B 195 1.00 24.62 -1.21
N GLY B 196 0.87 23.40 -1.77
CA GLY B 196 1.88 22.89 -2.68
C GLY B 196 1.99 21.39 -2.85
N VAL B 197 3.12 20.95 -3.43
CA VAL B 197 3.37 19.57 -3.76
C VAL B 197 4.67 19.06 -3.22
N LYS B 198 4.65 17.87 -2.61
CA LYS B 198 5.90 17.19 -2.23
C LYS B 198 6.26 16.32 -3.47
N ASN B 199 7.24 16.77 -4.33
CA ASN B 199 7.58 16.07 -5.58
C ASN B 199 8.62 14.98 -5.34
N SER B 200 8.14 13.70 -5.27
CA SER B 200 8.98 12.52 -5.11
C SER B 200 9.37 11.87 -6.44
N SER B 201 8.75 12.23 -7.58
CA SER B 201 9.17 11.71 -8.87
C SER B 201 10.63 12.14 -9.19
N MET B 202 11.27 11.47 -10.13
CA MET B 202 12.66 11.72 -10.53
C MET B 202 12.86 12.90 -11.49
N PRO B 203 11.98 13.17 -12.47
CA PRO B 203 12.20 14.36 -13.33
C PRO B 203 12.06 15.70 -12.59
N VAL B 204 13.11 16.52 -12.63
CA VAL B 204 13.11 17.88 -12.06
C VAL B 204 12.18 18.79 -12.89
N GLN B 205 11.83 18.37 -14.13
CA GLN B 205 10.86 19.03 -14.98
C GLN B 205 9.51 19.06 -14.29
N ASP B 206 9.17 18.00 -13.53
CA ASP B 206 7.89 17.97 -12.78
C ASP B 206 7.79 19.15 -11.79
N ILE B 207 8.90 19.47 -11.11
CA ILE B 207 8.97 20.59 -10.17
C ILE B 207 8.69 21.86 -10.95
N GLN B 208 9.40 21.99 -12.08
CA GLN B 208 9.32 23.18 -12.91
C GLN B 208 7.92 23.40 -13.40
N MET B 209 7.29 22.34 -13.90
CA MET B 209 5.92 22.40 -14.41
C MET B 209 4.91 22.72 -13.33
N PHE B 210 5.07 22.14 -12.11
CA PHE B 210 4.09 22.45 -11.04
C PHE B 210 4.31 23.87 -10.52
N LYS B 211 5.57 24.30 -10.41
CA LYS B 211 5.85 25.67 -9.92
C LYS B 211 5.33 26.72 -10.90
N GLN B 212 5.59 26.51 -12.20
CA GLN B 212 5.13 27.40 -13.26
C GLN B 212 3.61 27.48 -13.28
N ALA B 213 2.92 26.33 -13.21
CA ALA B 213 1.44 26.29 -13.25
C ALA B 213 0.79 26.94 -12.01
N ALA B 214 1.37 26.70 -10.82
CA ALA B 214 0.84 27.16 -9.55
C ALA B 214 1.20 28.61 -9.19
N GLY B 215 2.43 29.04 -9.46
CA GLY B 215 2.87 30.41 -9.18
C GLY B 215 3.45 30.66 -7.81
N ALA B 216 3.59 31.94 -7.44
CA ALA B 216 4.29 32.29 -6.20
C ALA B 216 3.55 31.96 -4.90
N GLU B 217 2.23 31.72 -4.90
CA GLU B 217 1.50 31.37 -3.68
C GLU B 217 1.55 29.88 -3.27
N TYR B 218 2.35 29.06 -3.97
CA TYR B 218 2.50 27.63 -3.71
C TYR B 218 3.98 27.29 -3.62
N ILE B 219 4.30 26.17 -2.98
CA ILE B 219 5.68 25.70 -2.83
C ILE B 219 5.80 24.24 -3.30
N ILE B 220 6.90 23.89 -3.97
CA ILE B 220 7.17 22.52 -4.35
C ILE B 220 8.37 22.07 -3.51
N PHE B 221 8.22 20.96 -2.77
CA PHE B 221 9.29 20.42 -1.97
C PHE B 221 10.05 19.38 -2.77
N ASN B 222 11.36 19.50 -2.81
CA ASN B 222 12.19 18.51 -3.50
C ASN B 222 12.16 17.18 -2.72
N GLY B 223 11.76 16.10 -3.38
CA GLY B 223 11.75 14.76 -2.80
C GLY B 223 13.07 14.00 -2.94
N PRO B 224 13.59 13.79 -4.18
CA PRO B 224 14.84 13.01 -4.36
C PRO B 224 16.09 13.63 -3.75
N ASP B 225 16.53 13.12 -2.57
CA ASP B 225 17.69 13.66 -1.84
C ASP B 225 18.94 13.78 -2.72
N GLU B 226 19.13 12.82 -3.63
CA GLU B 226 20.28 12.74 -4.55
C GLU B 226 20.29 13.82 -5.62
N GLN B 227 19.13 14.53 -5.83
CA GLN B 227 18.98 15.61 -6.79
C GLN B 227 18.64 16.90 -6.07
N PHE B 228 18.88 17.00 -4.74
CA PHE B 228 18.57 18.18 -3.92
C PHE B 228 18.93 19.48 -4.64
N MET B 229 20.19 19.64 -5.06
CA MET B 229 20.63 20.89 -5.67
C MET B 229 19.94 21.21 -6.96
N SER B 230 19.64 20.19 -7.76
CA SER B 230 18.97 20.33 -9.04
C SER B 230 17.48 20.72 -8.93
N GLY B 231 16.76 20.20 -7.94
CA GLY B 231 15.35 20.52 -7.74
C GLY B 231 15.23 21.89 -7.10
N ARG B 232 16.15 22.23 -6.16
CA ARG B 232 16.20 23.56 -5.53
C ARG B 232 16.45 24.68 -6.57
N VAL B 233 17.39 24.52 -7.55
CA VAL B 233 17.62 25.58 -8.55
C VAL B 233 16.48 25.76 -9.58
N ILE B 234 15.77 24.69 -9.97
CA ILE B 234 14.71 24.80 -10.98
C ILE B 234 13.36 25.27 -10.41
N GLY B 235 13.22 25.47 -9.10
CA GLY B 235 11.94 25.93 -8.57
C GLY B 235 11.46 25.37 -7.23
N ALA B 236 12.12 24.33 -6.69
CA ALA B 236 11.67 23.84 -5.39
C ALA B 236 12.25 24.77 -4.32
N GLU B 237 11.40 25.51 -3.59
CA GLU B 237 11.89 26.37 -2.49
C GLU B 237 11.96 25.55 -1.21
N GLY B 238 11.27 24.40 -1.20
CA GLY B 238 11.27 23.48 -0.08
C GLY B 238 12.03 22.21 -0.41
N ALA B 239 12.41 21.45 0.61
CA ALA B 239 13.15 20.20 0.45
C ALA B 239 12.91 19.32 1.68
N ILE B 240 12.27 18.14 1.46
CA ILE B 240 11.96 17.15 2.50
C ILE B 240 12.64 15.85 2.05
N GLY B 241 13.48 15.28 2.91
CA GLY B 241 14.21 14.07 2.56
C GLY B 241 14.41 13.11 3.72
N GLY B 242 14.52 11.83 3.38
CA GLY B 242 14.72 10.76 4.33
C GLY B 242 16.16 10.57 4.79
N THR B 243 17.16 11.10 4.04
CA THR B 243 18.55 10.96 4.45
C THR B 243 19.04 12.21 5.20
N TYR B 244 18.23 13.26 5.27
CA TYR B 244 18.66 14.51 5.90
C TYR B 244 19.03 14.33 7.36
N GLY B 245 18.26 13.51 8.07
CA GLY B 245 18.51 13.22 9.48
C GLY B 245 19.88 12.65 9.78
N ALA B 246 20.48 11.91 8.85
CA ALA B 246 21.80 11.34 9.05
C ALA B 246 22.95 12.38 9.00
N MET B 247 22.75 13.52 8.32
CA MET B 247 23.79 14.53 8.10
C MET B 247 23.12 15.87 7.82
N PRO B 248 22.32 16.38 8.78
CA PRO B 248 21.56 17.61 8.52
C PRO B 248 22.41 18.83 8.19
N GLU B 249 23.58 18.96 8.84
CA GLU B 249 24.52 20.07 8.63
C GLU B 249 25.00 20.11 7.18
N LEU B 250 25.13 18.93 6.50
CA LEU B 250 25.54 18.89 5.10
C LEU B 250 24.46 19.49 4.20
N TYR B 251 23.19 19.12 4.40
CA TYR B 251 22.12 19.70 3.60
C TYR B 251 21.91 21.18 3.86
N LEU B 252 22.10 21.62 5.12
CA LEU B 252 22.01 23.06 5.45
C LEU B 252 23.16 23.82 4.76
N LYS B 253 24.37 23.24 4.76
CA LYS B 253 25.50 23.86 4.09
C LYS B 253 25.28 23.90 2.58
N LEU B 254 24.80 22.77 2.00
CA LEU B 254 24.46 22.66 0.56
C LEU B 254 23.43 23.72 0.19
N ASP B 255 22.41 23.89 1.03
CA ASP B 255 21.38 24.88 0.80
C ASP B 255 21.97 26.30 0.88
N GLU B 256 22.90 26.55 1.84
CA GLU B 256 23.57 27.86 1.98
C GLU B 256 24.36 28.19 0.67
N CYS B 257 25.05 27.21 0.10
CA CYS B 257 25.74 27.37 -1.19
C CYS B 257 24.77 27.66 -2.34
N ILE B 258 23.61 26.96 -2.37
CA ILE B 258 22.60 27.15 -3.42
C ILE B 258 22.05 28.56 -3.36
N ASN B 259 21.67 29.00 -2.15
CA ASN B 259 21.16 30.36 -1.91
C ASN B 259 22.25 31.41 -2.17
N ALA B 260 23.53 31.09 -1.90
CA ALA B 260 24.63 32.02 -2.17
C ALA B 260 25.03 32.00 -3.67
N GLY B 261 24.60 30.98 -4.41
CA GLY B 261 24.91 30.85 -5.84
C GLY B 261 26.27 30.26 -6.14
N LYS B 262 26.86 29.55 -5.17
CA LYS B 262 28.17 28.91 -5.36
C LYS B 262 27.92 27.45 -5.74
N MET B 263 27.70 27.20 -7.03
CA MET B 263 27.35 25.88 -7.55
C MET B 263 28.48 24.86 -7.50
N THR B 264 29.76 25.31 -7.44
CA THR B 264 30.90 24.38 -7.38
C THR B 264 30.98 23.76 -5.98
N GLU B 265 30.89 24.60 -4.92
CA GLU B 265 30.88 24.13 -3.52
C GLU B 265 29.62 23.30 -3.22
N ALA B 266 28.48 23.69 -3.81
CA ALA B 266 27.21 22.95 -3.69
C ALA B 266 27.35 21.56 -4.32
N ARG B 267 27.92 21.49 -5.53
CA ARG B 267 28.14 20.25 -6.25
C ARG B 267 29.11 19.35 -5.51
N LYS B 268 30.09 19.90 -4.78
CA LYS B 268 31.01 19.08 -4.00
C LYS B 268 30.28 18.44 -2.82
N ILE B 269 29.37 19.18 -2.15
CA ILE B 269 28.60 18.68 -1.01
C ILE B 269 27.57 17.65 -1.50
N GLN B 270 26.87 17.93 -2.63
CA GLN B 270 25.91 17.00 -3.23
C GLN B 270 26.56 15.65 -3.51
N TYR B 271 27.76 15.67 -4.13
CA TYR B 271 28.47 14.43 -4.44
C TYR B 271 28.85 13.68 -3.16
N ALA B 272 29.32 14.40 -2.13
CA ALA B 272 29.67 13.80 -0.84
C ALA B 272 28.41 13.16 -0.24
N CYS B 273 27.26 13.89 -0.22
CA CYS B 273 26.01 13.33 0.31
C CYS B 273 25.60 12.10 -0.47
N ASN B 274 25.71 12.15 -1.81
CA ASN B 274 25.27 11.05 -2.65
C ASN B 274 26.10 9.78 -2.45
N GLU B 275 27.44 9.89 -2.26
CA GLU B 275 28.24 8.69 -2.01
C GLU B 275 27.92 8.10 -0.63
N ILE B 276 27.56 8.94 0.36
CA ILE B 276 27.13 8.47 1.67
C ILE B 276 25.81 7.67 1.51
N ILE B 277 24.84 8.20 0.74
CA ILE B 277 23.56 7.52 0.49
C ILE B 277 23.81 6.17 -0.18
N TYR B 278 24.65 6.14 -1.21
CA TYR B 278 24.90 4.91 -1.94
C TYR B 278 25.55 3.88 -0.98
N LYS B 279 26.43 4.32 -0.03
CA LYS B 279 27.05 3.42 0.98
C LYS B 279 25.95 2.92 1.93
N MET B 280 25.06 3.82 2.40
CA MET B 280 23.97 3.44 3.31
C MET B 280 23.00 2.46 2.65
N CYS B 281 22.79 2.55 1.31
CA CYS B 281 21.90 1.65 0.55
C CYS B 281 22.54 0.32 0.19
N SER B 282 23.85 0.20 0.32
CA SER B 282 24.59 -1.03 0.01
C SER B 282 24.48 -2.10 1.09
N ALA B 283 23.84 -1.83 2.22
CA ALA B 283 23.68 -2.81 3.28
C ALA B 283 22.56 -3.81 2.95
N HIS B 284 22.60 -4.97 3.59
CA HIS B 284 21.53 -5.96 3.53
C HIS B 284 20.30 -5.37 4.27
N GLY B 285 20.52 -4.81 5.45
CA GLY B 285 19.44 -4.17 6.21
C GLY B 285 18.97 -2.90 5.55
N ASN B 286 17.72 -2.51 5.83
CA ASN B 286 17.09 -1.32 5.29
C ASN B 286 17.90 -0.03 5.55
N MET B 287 17.78 0.97 4.66
CA MET B 287 18.50 2.23 4.80
C MET B 287 18.16 2.93 6.13
N TYR B 288 16.89 2.91 6.54
CA TYR B 288 16.52 3.55 7.80
C TYR B 288 17.11 2.78 8.98
N ALA B 289 17.36 1.46 8.85
CA ALA B 289 18.01 0.68 9.91
C ALA B 289 19.47 1.14 9.98
N VAL B 290 20.11 1.30 8.80
CA VAL B 290 21.47 1.81 8.70
C VAL B 290 21.53 3.21 9.37
N ILE B 291 20.61 4.13 9.03
CA ILE B 291 20.62 5.50 9.57
C ILE B 291 20.46 5.51 11.09
N LYS B 292 19.54 4.71 11.65
CA LYS B 292 19.38 4.66 13.10
C LYS B 292 20.67 4.14 13.77
N ALA B 293 21.38 3.21 13.14
CA ALA B 293 22.68 2.74 13.68
C ALA B 293 23.80 3.79 13.51
N ILE B 294 23.76 4.63 12.45
CA ILE B 294 24.71 5.74 12.26
C ILE B 294 24.47 6.79 13.36
N LEU B 295 23.20 7.16 13.60
CA LEU B 295 22.87 8.14 14.63
C LEU B 295 23.23 7.61 16.01
N LYS B 296 23.23 6.29 16.21
CA LYS B 296 23.65 5.70 17.49
C LYS B 296 25.17 5.88 17.65
N ILE B 297 25.95 5.70 16.57
CA ILE B 297 27.40 5.88 16.59
C ILE B 297 27.74 7.36 16.70
N ASN B 298 27.32 8.20 15.74
CA ASN B 298 27.68 9.62 15.70
C ASN B 298 27.05 10.51 16.74
N GLU B 299 25.84 10.19 17.24
CA GLU B 299 25.13 11.06 18.18
C GLU B 299 24.70 10.43 19.51
N GLY B 300 24.84 9.11 19.65
CA GLY B 300 24.38 8.43 20.86
C GLY B 300 22.86 8.36 20.98
N LEU B 301 22.13 8.59 19.87
CA LEU B 301 20.66 8.53 19.86
C LEU B 301 20.27 7.07 19.77
N GLU B 302 19.26 6.65 20.53
CA GLU B 302 18.75 5.28 20.48
C GLU B 302 17.35 5.33 19.89
N LEU B 303 17.25 5.11 18.56
CA LEU B 303 15.99 5.15 17.85
C LEU B 303 15.36 3.77 17.64
N GLY B 304 15.97 2.71 18.16
CA GLY B 304 15.45 1.36 17.98
C GLY B 304 15.77 0.83 16.59
N ALA B 305 15.07 -0.24 16.17
CA ALA B 305 15.28 -0.88 14.87
C ALA B 305 14.18 -0.45 13.89
N VAL B 306 14.06 -1.15 12.75
CA VAL B 306 13.04 -0.88 11.76
C VAL B 306 11.93 -1.89 11.92
N ARG B 307 10.67 -1.48 11.71
CA ARG B 307 9.52 -2.37 11.85
C ARG B 307 9.44 -3.33 10.65
N GLU B 308 9.20 -4.62 10.93
CA GLU B 308 9.05 -5.63 9.89
C GLU B 308 7.80 -5.34 9.05
N PRO B 309 7.80 -5.62 7.73
CA PRO B 309 8.82 -6.35 6.94
C PRO B 309 10.13 -5.65 6.57
N LEU B 310 10.38 -4.38 6.98
CA LEU B 310 11.65 -3.70 6.66
C LEU B 310 12.82 -4.54 7.15
N PRO B 311 13.77 -4.91 6.27
CA PRO B 311 14.84 -5.84 6.71
C PRO B 311 15.77 -5.28 7.77
N ALA B 312 16.02 -6.06 8.82
CA ALA B 312 16.95 -5.65 9.87
C ALA B 312 18.39 -5.73 9.37
N LEU B 313 19.29 -5.05 10.08
CA LEU B 313 20.72 -5.08 9.83
C LEU B 313 21.20 -6.45 10.24
N VAL B 314 22.24 -6.95 9.57
CA VAL B 314 22.89 -8.24 9.88
C VAL B 314 24.30 -7.94 10.39
N ASP B 315 25.00 -8.95 10.93
CA ASP B 315 26.35 -8.70 11.45
C ASP B 315 27.28 -8.11 10.37
N GLU B 316 27.14 -8.61 9.13
CA GLU B 316 27.95 -8.18 7.98
C GLU B 316 27.74 -6.69 7.63
N ASP B 317 26.59 -6.08 8.00
CA ASP B 317 26.33 -4.67 7.71
C ASP B 317 27.04 -3.70 8.62
N MET B 318 27.55 -4.14 9.79
CA MET B 318 28.17 -3.21 10.73
C MET B 318 29.40 -2.49 10.16
N GLU B 319 30.16 -3.12 9.26
CA GLU B 319 31.32 -2.44 8.67
C GLU B 319 30.79 -1.34 7.75
N ILE B 320 29.68 -1.59 6.99
CA ILE B 320 29.05 -0.57 6.12
C ILE B 320 28.51 0.59 7.00
N VAL B 321 27.90 0.24 8.15
CA VAL B 321 27.36 1.21 9.10
C VAL B 321 28.50 2.11 9.68
N LYS B 322 29.65 1.50 10.04
CA LYS B 322 30.81 2.24 10.55
C LYS B 322 31.45 3.11 9.46
N GLU B 323 31.62 2.57 8.26
CA GLU B 323 32.18 3.30 7.10
C GLU B 323 31.30 4.54 6.77
N ALA B 324 29.96 4.38 6.73
CA ALA B 324 29.10 5.53 6.42
C ALA B 324 29.16 6.59 7.50
N ALA B 325 29.17 6.18 8.78
CA ALA B 325 29.23 7.12 9.90
C ALA B 325 30.50 7.97 9.81
N GLN B 326 31.66 7.34 9.47
CA GLN B 326 32.93 8.02 9.27
C GLN B 326 32.90 8.95 8.06
N MET B 327 32.26 8.53 6.95
CA MET B 327 32.13 9.39 5.76
C MET B 327 31.35 10.66 6.12
N ILE B 328 30.36 10.56 7.02
CA ILE B 328 29.58 11.72 7.46
C ILE B 328 30.50 12.66 8.26
N CYS B 329 31.19 12.14 9.29
CA CYS B 329 32.15 12.91 10.08
C CYS B 329 33.18 13.61 9.19
N ASP B 330 33.73 12.90 8.20
CA ASP B 330 34.73 13.45 7.28
C ASP B 330 34.14 14.55 6.39
N ALA B 331 32.90 14.37 5.89
CA ALA B 331 32.26 15.40 5.06
C ALA B 331 32.05 16.69 5.85
N LYS B 332 31.62 16.56 7.11
CA LYS B 332 31.37 17.70 7.98
C LYS B 332 32.64 18.52 8.17
N LYS B 333 33.78 17.87 8.52
CA LYS B 333 35.07 18.53 8.68
C LYS B 333 35.56 19.22 7.39
N LYS B 334 35.30 18.61 6.20
CA LYS B 334 35.71 19.15 4.90
C LYS B 334 34.89 20.36 4.45
N PHE B 335 33.57 20.32 4.64
CA PHE B 335 32.69 21.37 4.14
C PHE B 335 32.17 22.37 5.14
N LEU B 336 32.21 22.10 6.46
CA LEU B 336 31.70 23.05 7.46
C LEU B 336 32.84 23.87 8.08
#